data_6P27
#
_entry.id   6P27
#
_cell.length_a   50.607
_cell.length_b   81.318
_cell.length_c   110.728
_cell.angle_alpha   90.00
_cell.angle_beta   90.00
_cell.angle_gamma   90.00
#
_symmetry.space_group_name_H-M   'P 21 21 21'
#
loop_
_entity.id
_entity.type
_entity.pdbx_description
1 polymer 'HLA class I histocompatibility antigen, B-8 alpha chain'
2 polymer Beta-2-microglobulin
3 polymer 'MHC I-peptide'
4 water water
#
loop_
_entity_poly.entity_id
_entity_poly.type
_entity_poly.pdbx_seq_one_letter_code
_entity_poly.pdbx_strand_id
1 'polypeptide(L)'
;GSHSMRYFDTAMSRPGRGEPRFISVGYVDDTQFVRFDSDAASPREEPRAPWIEQEGPEYWDRNTQIFKTNTQTDRCSLRN
LRGYYNQSEAGSHTLQSMYGCDVGPDGRLLRGHNQYAYDGKDYIALNEDLRSWTAADTAAQITQRKWEAARVAEQDRAYL
EGTCVEWLRRYLENGKDTLERADPPKTHVTHHPISDHEATLRCWALGFYPAEITLTWQRDGEDQTQDTELVETRPAGDRT
FQKWAAVVVPSGEEQRYTCHVQHEGLPKPLTLRWEP
;
A
2 'polypeptide(L)'
;IQRTPKIQVYSRHPAENGKSNFLNCYVSGFHPSDIEVDLLKNGERIEKVEHSDLSFSKDWSFYLLYYTEFTPTEKDEYAC
RVNHVTLSQPKIVKWDRDM
;
B
3 'polypeptide(L)' R(MAA)RAAAKKKYCL C
#
# COMPACT_ATOMS: atom_id res chain seq x y z
N GLY A 1 7.40 18.28 7.44
CA GLY A 1 6.05 18.14 6.91
C GLY A 1 5.11 17.51 7.91
N SER A 2 3.93 17.12 7.45
CA SER A 2 3.01 16.36 8.30
C SER A 2 3.36 14.88 8.20
N HIS A 3 2.98 14.11 9.21
CA HIS A 3 3.32 12.69 9.22
C HIS A 3 2.18 11.84 9.74
N SER A 4 2.21 10.56 9.41
CA SER A 4 1.19 9.65 9.89
C SER A 4 1.80 8.36 10.42
N MET A 5 1.17 7.78 11.42
CA MET A 5 1.44 6.40 11.80
C MET A 5 0.18 5.60 11.60
N ARG A 6 0.29 4.47 10.93
CA ARG A 6 -0.90 3.66 10.67
C ARG A 6 -0.57 2.19 10.79
N TYR A 7 -1.44 1.46 11.49
CA TYR A 7 -1.40 0.00 11.42
C TYR A 7 -2.48 -0.48 10.45
N PHE A 8 -2.10 -1.45 9.62
CA PHE A 8 -3.01 -2.06 8.66
C PHE A 8 -3.13 -3.52 8.99
N ASP A 9 -4.28 -3.93 9.52
CA ASP A 9 -4.45 -5.34 9.93
C ASP A 9 -5.41 -6.08 9.01
N THR A 10 -5.06 -7.32 8.68
CA THR A 10 -5.94 -8.18 7.88
C THR A 10 -6.15 -9.50 8.62
N ALA A 11 -7.40 -9.88 8.83
CA ALA A 11 -7.69 -11.21 9.38
C ALA A 11 -8.58 -11.94 8.38
N MET A 12 -8.18 -13.16 8.00
CA MET A 12 -8.95 -13.86 6.99
C MET A 12 -9.26 -15.29 7.40
N SER A 13 -10.53 -15.64 7.45
CA SER A 13 -10.90 -17.02 7.77
C SER A 13 -10.66 -17.94 6.58
N ARG A 14 -10.50 -19.22 6.88
CA ARG A 14 -10.17 -20.19 5.86
C ARG A 14 -10.68 -21.55 6.35
N PRO A 15 -12.00 -21.75 6.30
CA PRO A 15 -12.59 -22.98 6.84
C PRO A 15 -11.96 -24.23 6.26
N GLY A 16 -11.57 -25.13 7.16
CA GLY A 16 -10.96 -26.40 6.77
C GLY A 16 -9.45 -26.31 6.68
N ARG A 17 -8.92 -25.09 6.82
CA ARG A 17 -7.48 -24.87 6.72
C ARG A 17 -6.93 -24.13 7.93
N GLY A 18 -7.47 -24.45 9.10
CA GLY A 18 -6.99 -23.88 10.35
C GLY A 18 -7.75 -22.62 10.74
N GLU A 19 -7.18 -21.91 11.72
CA GLU A 19 -7.80 -20.71 12.27
C GLU A 19 -7.45 -19.52 11.39
N PRO A 20 -8.26 -18.45 11.46
CA PRO A 20 -7.99 -17.32 10.57
C PRO A 20 -6.59 -16.73 10.74
N ARG A 21 -5.94 -16.46 9.62
CA ARG A 21 -4.64 -15.80 9.65
C ARG A 21 -4.81 -14.35 10.04
N PHE A 22 -3.94 -13.85 10.92
CA PHE A 22 -3.91 -12.43 11.28
C PHE A 22 -2.57 -11.85 10.93
N ILE A 23 -2.56 -10.77 10.14
CA ILE A 23 -1.32 -10.05 9.87
C ILE A 23 -1.53 -8.58 10.16
N SER A 24 -0.55 -7.98 10.84
CA SER A 24 -0.57 -6.55 11.13
C SER A 24 0.73 -5.96 10.62
N VAL A 25 0.64 -4.86 9.88
CA VAL A 25 1.83 -4.15 9.43
C VAL A 25 1.71 -2.71 9.86
N GLY A 26 2.80 -2.16 10.40
CA GLY A 26 2.82 -0.78 10.85
C GLY A 26 3.66 0.10 9.94
N TYR A 27 3.17 1.31 9.68
CA TYR A 27 3.86 2.28 8.81
C TYR A 27 4.01 3.62 9.49
N VAL A 28 5.12 4.29 9.21
CA VAL A 28 5.18 5.74 9.36
C VAL A 28 5.22 6.29 7.93
N ASP A 29 4.24 7.11 7.57
CA ASP A 29 4.10 7.55 6.17
C ASP A 29 4.16 6.36 5.23
N ASP A 30 5.07 6.35 4.25
CA ASP A 30 5.15 5.23 3.32
C ASP A 30 6.28 4.25 3.65
N THR A 31 6.68 4.22 4.92
CA THR A 31 7.74 3.34 5.37
C THR A 31 7.22 2.33 6.37
N GLN A 32 7.25 1.04 5.99
CA GLN A 32 6.83 -0.01 6.91
C GLN A 32 7.90 -0.19 7.96
N PHE A 33 7.52 -0.35 9.23
CA PHE A 33 8.52 -0.49 10.28
C PHE A 33 8.35 -1.72 11.17
N VAL A 34 7.16 -2.35 11.13
CA VAL A 34 6.93 -3.58 11.88
C VAL A 34 5.97 -4.50 11.12
N ARG A 35 6.08 -5.78 11.40
CA ARG A 35 5.09 -6.75 10.93
C ARG A 35 4.85 -7.79 12.00
N PHE A 36 3.63 -8.31 12.02
CA PHE A 36 3.28 -9.47 12.85
C PHE A 36 2.41 -10.38 12.02
N ASP A 37 2.74 -11.66 11.97
CA ASP A 37 2.00 -12.61 11.15
C ASP A 37 1.75 -13.86 11.98
N SER A 38 0.50 -14.21 12.21
CA SER A 38 0.19 -15.40 13.01
C SER A 38 0.63 -16.69 12.32
N ASP A 39 0.87 -16.60 11.01
CA ASP A 39 1.37 -17.77 10.25
C ASP A 39 2.88 -17.93 10.27
N ALA A 40 3.60 -16.94 10.82
CA ALA A 40 5.05 -17.09 11.00
C ALA A 40 5.31 -18.26 11.94
N ALA A 41 6.40 -18.99 11.73
CA ALA A 41 6.69 -20.17 12.54
C ALA A 41 6.75 -19.82 14.03
N SER A 42 7.30 -18.64 14.32
CA SER A 42 7.33 -18.10 15.67
C SER A 42 6.82 -16.65 15.64
N PRO A 43 5.49 -16.46 15.70
CA PRO A 43 4.91 -15.11 15.59
C PRO A 43 5.46 -14.15 16.64
N ARG A 44 5.91 -12.99 16.16
CA ARG A 44 6.44 -11.95 17.02
C ARG A 44 6.41 -10.65 16.25
N GLU A 45 6.31 -9.53 16.96
CA GLU A 45 6.49 -8.23 16.34
C GLU A 45 7.94 -8.16 15.85
N GLU A 46 8.11 -7.94 14.55
CA GLU A 46 9.44 -7.97 13.94
C GLU A 46 9.76 -6.63 13.31
N PRO A 47 11.01 -6.16 13.45
CA PRO A 47 11.41 -4.90 12.82
C PRO A 47 11.50 -5.03 11.30
N ARG A 48 11.07 -3.99 10.58
CA ARG A 48 11.15 -3.96 9.12
C ARG A 48 11.78 -2.66 8.63
N ALA A 49 12.32 -1.88 9.56
CA ALA A 49 13.08 -0.67 9.27
C ALA A 49 14.25 -0.54 10.27
N PRO A 50 15.39 0.01 9.81
CA PRO A 50 16.57 0.07 10.68
C PRO A 50 16.41 0.93 11.95
N TRP A 51 15.67 2.04 11.86
CA TRP A 51 15.54 2.98 12.98
C TRP A 51 14.69 2.48 14.15
N ILE A 52 13.99 1.37 13.95
CA ILE A 52 13.19 0.78 15.02
C ILE A 52 13.99 -0.30 15.74
N GLU A 53 15.07 -0.76 15.12
CA GLU A 53 15.87 -1.85 15.69
C GLU A 53 16.50 -1.46 17.03
N GLN A 54 16.62 -0.15 17.25
CA GLN A 54 17.24 0.36 18.48
C GLN A 54 16.31 0.25 19.68
N GLU A 55 15.01 0.00 19.44
CA GLU A 55 14.10 -0.24 20.56
C GLU A 55 14.49 -1.53 21.27
N GLY A 56 14.44 -1.51 22.60
CA GLY A 56 14.91 -2.64 23.38
C GLY A 56 13.96 -3.82 23.39
N PRO A 57 14.34 -4.89 24.12
CA PRO A 57 13.54 -6.10 24.26
C PRO A 57 12.13 -5.83 24.76
N GLU A 58 11.96 -4.89 25.69
CA GLU A 58 10.64 -4.60 26.24
C GLU A 58 9.65 -4.14 25.16
N TYR A 59 10.14 -3.31 24.24
CA TYR A 59 9.33 -2.87 23.11
C TYR A 59 8.80 -4.07 22.32
N TRP A 60 9.71 -4.98 21.97
CA TRP A 60 9.35 -6.13 21.14
C TRP A 60 8.42 -7.10 21.85
N ASP A 61 8.74 -7.48 23.08
CA ASP A 61 7.85 -8.44 23.75
C ASP A 61 6.50 -7.84 24.21
N ARG A 62 6.45 -6.55 24.54
CA ARG A 62 5.17 -5.93 24.87
C ARG A 62 4.26 -5.87 23.64
N ASN A 63 4.82 -5.46 22.50
CA ASN A 63 4.06 -5.41 21.27
C ASN A 63 3.69 -6.79 20.75
N THR A 64 4.60 -7.75 20.92
CA THR A 64 4.28 -9.12 20.53
C THR A 64 3.06 -9.62 21.29
N GLN A 65 3.01 -9.32 22.58
CA GLN A 65 1.88 -9.77 23.38
C GLN A 65 0.58 -9.12 22.90
N ILE A 66 0.62 -7.81 22.64
CA ILE A 66 -0.55 -7.11 22.12
C ILE A 66 -1.05 -7.75 20.84
N PHE A 67 -0.11 -8.09 19.94
CA PHE A 67 -0.50 -8.67 18.66
C PHE A 67 -0.98 -10.12 18.76
N LYS A 68 -0.42 -10.90 19.68
CA LYS A 68 -0.93 -12.23 19.93
C LYS A 68 -2.38 -12.16 20.43
N THR A 69 -2.65 -11.21 21.32
CA THR A 69 -4.00 -11.06 21.84
C THR A 69 -4.92 -10.55 20.73
N ASN A 70 -4.40 -9.62 19.92
CA ASN A 70 -5.15 -9.11 18.77
C ASN A 70 -5.55 -10.18 17.76
N THR A 71 -4.69 -11.19 17.61
CA THR A 71 -5.00 -12.32 16.74
C THR A 71 -6.28 -12.99 17.24
N GLN A 72 -6.35 -13.22 18.54
CA GLN A 72 -7.52 -13.87 19.13
C GLN A 72 -8.76 -12.97 19.05
N THR A 73 -8.56 -11.68 19.26
CA THR A 73 -9.64 -10.72 19.17
C THR A 73 -10.25 -10.68 17.77
N ASP A 74 -9.39 -10.67 16.75
CA ASP A 74 -9.86 -10.61 15.38
C ASP A 74 -10.59 -11.90 15.02
N ARG A 75 -10.14 -13.03 15.57
CA ARG A 75 -10.86 -14.28 15.35
C ARG A 75 -12.24 -14.25 16.00
N CYS A 76 -12.34 -13.67 17.18
CA CYS A 76 -13.62 -13.47 17.84
C CYS A 76 -14.49 -12.58 16.95
N SER A 77 -13.92 -11.50 16.44
CA SER A 77 -14.66 -10.60 15.57
C SER A 77 -15.20 -11.30 14.34
N LEU A 78 -14.36 -12.11 13.70
CA LEU A 78 -14.80 -12.84 12.52
C LEU A 78 -15.96 -13.78 12.83
N ARG A 79 -15.91 -14.48 13.98
CA ARG A 79 -17.01 -15.36 14.38
C ARG A 79 -18.28 -14.54 14.57
N ASN A 80 -18.15 -13.39 15.22
CA ASN A 80 -19.32 -12.57 15.46
C ASN A 80 -19.90 -12.00 14.15
N LEU A 81 -19.02 -11.53 13.27
CA LEU A 81 -19.44 -10.99 11.98
C LEU A 81 -20.20 -12.02 11.14
N ARG A 82 -19.71 -13.26 11.13
CA ARG A 82 -20.39 -14.32 10.38
C ARG A 82 -21.82 -14.44 10.87
N GLY A 83 -22.01 -14.40 12.18
CA GLY A 83 -23.35 -14.46 12.76
C GLY A 83 -24.21 -13.26 12.43
N TYR A 84 -23.63 -12.05 12.49
CA TYR A 84 -24.39 -10.83 12.22
C TYR A 84 -24.94 -10.80 10.81
N TYR A 85 -24.31 -11.54 9.89
CA TYR A 85 -24.77 -11.52 8.50
C TYR A 85 -25.39 -12.86 8.10
N ASN A 86 -25.65 -13.70 9.09
CA ASN A 86 -26.28 -15.00 8.89
C ASN A 86 -25.54 -15.86 7.91
N GLN A 87 -24.22 -15.78 7.91
CA GLN A 87 -23.41 -16.48 6.92
C GLN A 87 -23.05 -17.89 7.32
N SER A 88 -22.85 -18.72 6.30
CA SER A 88 -22.44 -20.11 6.45
C SER A 88 -21.04 -20.23 7.02
N GLU A 89 -20.74 -21.34 7.67
CA GLU A 89 -19.39 -21.55 8.17
C GLU A 89 -18.48 -22.06 7.06
N ALA A 90 -19.05 -22.28 5.87
CA ALA A 90 -18.27 -22.78 4.73
C ALA A 90 -17.39 -21.75 4.05
N GLY A 91 -17.79 -20.47 4.10
CA GLY A 91 -17.06 -19.46 3.35
C GLY A 91 -15.93 -18.75 4.07
N SER A 92 -15.00 -18.22 3.28
CA SER A 92 -13.91 -17.38 3.82
C SER A 92 -14.34 -15.93 3.82
N HIS A 93 -13.98 -15.22 4.89
CA HIS A 93 -14.30 -13.80 5.02
C HIS A 93 -13.10 -13.05 5.53
N THR A 94 -13.10 -11.75 5.27
CA THR A 94 -11.96 -10.89 5.60
C THR A 94 -12.40 -9.75 6.51
N LEU A 95 -11.65 -9.52 7.60
CA LEU A 95 -11.81 -8.33 8.41
C LEU A 95 -10.54 -7.49 8.31
N GLN A 96 -10.69 -6.22 7.96
CA GLN A 96 -9.54 -5.33 7.87
C GLN A 96 -9.73 -4.18 8.85
N SER A 97 -8.62 -3.71 9.40
CA SER A 97 -8.61 -2.64 10.39
C SER A 97 -7.53 -1.63 9.99
N MET A 98 -7.83 -0.35 10.14
CA MET A 98 -6.81 0.71 10.01
C MET A 98 -6.93 1.59 11.24
N TYR A 99 -5.82 1.83 11.93
CA TYR A 99 -5.85 2.78 13.05
C TYR A 99 -4.52 3.51 13.20
N GLY A 100 -4.57 4.68 13.82
CA GLY A 100 -3.36 5.44 14.03
C GLY A 100 -3.63 6.92 14.04
N CYS A 101 -2.58 7.71 13.87
CA CYS A 101 -2.71 9.14 14.10
C CYS A 101 -1.94 9.94 13.07
N ASP A 102 -2.39 11.16 12.81
CA ASP A 102 -1.67 12.08 11.93
C ASP A 102 -1.20 13.25 12.79
N VAL A 103 0.02 13.73 12.55
CA VAL A 103 0.51 14.91 13.24
C VAL A 103 1.02 15.95 12.24
N GLY A 104 1.06 17.20 12.67
CA GLY A 104 1.62 18.26 11.85
C GLY A 104 3.12 18.39 12.05
N PRO A 105 3.73 19.35 11.35
CA PRO A 105 5.17 19.65 11.41
C PRO A 105 5.66 19.87 12.84
N ASP A 106 4.78 20.37 13.69
CA ASP A 106 5.12 20.66 15.08
C ASP A 106 4.86 19.48 16.01
N GLY A 107 4.43 18.34 15.43
CA GLY A 107 4.17 17.17 16.23
C GLY A 107 2.81 17.14 16.91
N ARG A 108 1.99 18.16 16.71
CA ARG A 108 0.66 18.20 17.31
C ARG A 108 -0.31 17.30 16.56
N LEU A 109 -1.23 16.67 17.30
CA LEU A 109 -2.25 15.83 16.70
C LEU A 109 -3.09 16.59 15.69
N LEU A 110 -3.21 16.03 14.50
CA LEU A 110 -4.13 16.55 13.50
C LEU A 110 -5.45 15.81 13.63
N ARG A 111 -5.38 14.48 13.60
CA ARG A 111 -6.54 13.64 13.92
C ARG A 111 -6.15 12.19 14.11
N GLY A 112 -7.08 11.44 14.70
CA GLY A 112 -6.92 10.01 14.89
C GLY A 112 -7.84 9.21 14.02
N HIS A 113 -7.51 7.92 13.87
CA HIS A 113 -8.26 7.00 13.01
C HIS A 113 -8.43 5.66 13.69
N ASN A 114 -9.60 5.05 13.53
CA ASN A 114 -9.81 3.66 13.95
C ASN A 114 -11.03 3.12 13.23
N GLN A 115 -10.78 2.36 12.16
CA GLN A 115 -11.90 1.93 11.34
C GLN A 115 -11.72 0.53 10.78
N TYR A 116 -12.84 -0.06 10.36
CA TYR A 116 -12.91 -1.48 10.01
C TYR A 116 -13.73 -1.71 8.75
N ALA A 117 -13.36 -2.75 8.01
CA ALA A 117 -14.09 -3.18 6.82
C ALA A 117 -14.27 -4.68 6.88
N TYR A 118 -15.44 -5.15 6.45
CA TYR A 118 -15.70 -6.57 6.40
C TYR A 118 -15.98 -6.94 4.94
N ASP A 119 -15.26 -7.94 4.45
CA ASP A 119 -15.33 -8.33 3.05
C ASP A 119 -15.23 -7.16 2.07
N GLY A 120 -14.34 -6.21 2.40
CA GLY A 120 -14.00 -5.13 1.49
C GLY A 120 -14.90 -3.93 1.57
N LYS A 121 -15.88 -3.98 2.47
CA LYS A 121 -16.85 -2.91 2.62
C LYS A 121 -16.74 -2.25 3.98
N ASP A 122 -16.80 -0.92 4.00
CA ASP A 122 -16.72 -0.25 5.30
C ASP A 122 -17.81 -0.75 6.24
N TYR A 123 -17.39 -0.98 7.49
CA TYR A 123 -18.25 -1.58 8.49
C TYR A 123 -18.53 -0.62 9.64
N ILE A 124 -17.49 -0.19 10.35
CA ILE A 124 -17.66 0.80 11.43
C ILE A 124 -16.40 1.64 11.51
N ALA A 125 -16.57 2.90 11.91
CA ALA A 125 -15.43 3.81 12.04
C ALA A 125 -15.61 4.67 13.28
N LEU A 126 -14.52 4.96 13.97
CA LEU A 126 -14.52 5.98 15.02
C LEU A 126 -14.56 7.33 14.33
N ASN A 127 -15.49 8.19 14.78
CA ASN A 127 -15.61 9.49 14.17
C ASN A 127 -14.43 10.37 14.55
N GLU A 128 -14.25 11.45 13.79
CA GLU A 128 -13.13 12.38 14.02
C GLU A 128 -13.12 12.93 15.44
N ASP A 129 -14.30 13.04 16.06
CA ASP A 129 -14.37 13.46 17.46
C ASP A 129 -13.74 12.50 18.46
N LEU A 130 -13.46 11.27 18.01
CA LEU A 130 -12.90 10.23 18.88
C LEU A 130 -13.83 9.84 20.03
N ARG A 131 -15.13 10.12 19.87
CA ARG A 131 -16.08 9.80 20.92
C ARG A 131 -17.28 8.99 20.43
N SER A 132 -17.56 9.08 19.13
CA SER A 132 -18.76 8.46 18.57
C SER A 132 -18.43 7.58 17.37
N TRP A 133 -19.36 6.69 17.01
CA TRP A 133 -19.15 5.73 15.94
C TRP A 133 -20.07 5.96 14.76
N THR A 134 -19.59 5.62 13.57
CA THR A 134 -20.47 5.54 12.41
C THR A 134 -20.56 4.09 11.91
N ALA A 135 -21.77 3.54 11.98
CA ALA A 135 -22.04 2.15 11.59
C ALA A 135 -22.65 2.10 10.20
N ALA A 136 -22.15 1.21 9.35
CA ALA A 136 -22.62 1.13 7.96
C ALA A 136 -24.00 0.48 7.77
N ASP A 137 -24.37 -0.41 8.68
CA ASP A 137 -25.60 -1.19 8.51
C ASP A 137 -26.07 -1.74 9.86
N THR A 138 -27.11 -2.58 9.83
CA THR A 138 -27.70 -3.03 11.09
C THR A 138 -26.78 -3.99 11.85
N ALA A 139 -25.89 -4.66 11.13
CA ALA A 139 -24.90 -5.52 11.77
C ALA A 139 -23.90 -4.67 12.54
N ALA A 140 -23.36 -3.65 11.88
CA ALA A 140 -22.44 -2.73 12.53
C ALA A 140 -23.07 -2.00 13.72
N GLN A 141 -24.39 -1.81 13.68
CA GLN A 141 -25.10 -1.22 14.81
C GLN A 141 -24.99 -2.08 16.05
N ILE A 142 -24.90 -3.41 15.87
CA ILE A 142 -24.71 -4.31 17.00
C ILE A 142 -23.34 -4.05 17.63
N THR A 143 -22.30 -3.98 16.79
CA THR A 143 -20.96 -3.63 17.28
C THR A 143 -20.97 -2.28 17.97
N GLN A 144 -21.63 -1.30 17.37
CA GLN A 144 -21.69 0.04 17.93
C GLN A 144 -22.30 0.00 19.34
N ARG A 145 -23.44 -0.69 19.47
CA ARG A 145 -24.10 -0.77 20.78
C ARG A 145 -23.19 -1.40 21.81
N LYS A 146 -22.47 -2.44 21.39
CA LYS A 146 -21.59 -3.17 22.29
C LYS A 146 -20.43 -2.28 22.72
N TRP A 147 -19.85 -1.57 21.75
CA TRP A 147 -18.74 -0.68 22.04
C TRP A 147 -19.16 0.54 22.86
N GLU A 148 -20.38 1.03 22.67
CA GLU A 148 -20.92 2.10 23.50
C GLU A 148 -21.10 1.64 24.94
N ALA A 149 -21.64 0.43 25.12
CA ALA A 149 -21.85 -0.12 26.45
C ALA A 149 -20.54 -0.27 27.22
N ALA A 150 -19.50 -0.71 26.51
CA ALA A 150 -18.20 -0.95 27.12
C ALA A 150 -17.28 0.29 27.15
N ARG A 151 -17.78 1.42 26.66
CA ARG A 151 -17.00 2.65 26.58
C ARG A 151 -15.66 2.45 25.86
N VAL A 152 -15.73 1.75 24.73
CA VAL A 152 -14.54 1.49 23.92
C VAL A 152 -13.93 2.76 23.32
N ALA A 153 -14.77 3.67 22.86
CA ALA A 153 -14.26 4.91 22.27
C ALA A 153 -13.31 5.66 23.20
N GLU A 154 -13.60 5.65 24.50
CA GLU A 154 -12.75 6.35 25.47
C GLU A 154 -11.34 5.76 25.53
N GLN A 155 -11.25 4.44 25.38
CA GLN A 155 -9.96 3.73 25.36
C GLN A 155 -9.22 4.04 24.09
N ASP A 156 -9.94 4.00 22.96
CA ASP A 156 -9.32 4.32 21.68
C ASP A 156 -8.83 5.77 21.63
N ARG A 157 -9.63 6.69 22.17
CA ARG A 157 -9.24 8.10 22.19
C ARG A 157 -7.96 8.30 22.99
N ALA A 158 -7.90 7.70 24.16
CA ALA A 158 -6.71 7.79 25.01
C ALA A 158 -5.48 7.26 24.28
N TYR A 159 -5.64 6.14 23.56
CA TYR A 159 -4.53 5.60 22.79
C TYR A 159 -4.11 6.55 21.69
N LEU A 160 -5.09 7.05 20.95
CA LEU A 160 -4.80 7.81 19.73
C LEU A 160 -4.21 9.18 20.05
N GLU A 161 -4.68 9.81 21.13
CA GLU A 161 -4.19 11.14 21.52
C GLU A 161 -2.90 11.09 22.30
N GLY A 162 -2.62 9.95 22.91
CA GLY A 162 -1.48 9.81 23.79
C GLY A 162 -0.41 8.92 23.19
N THR A 163 -0.52 7.62 23.45
CA THR A 163 0.45 6.63 22.99
C THR A 163 0.85 6.76 21.51
N CYS A 164 -0.15 6.85 20.63
CA CYS A 164 0.12 6.89 19.20
C CYS A 164 0.96 8.11 18.83
N VAL A 165 0.56 9.27 19.34
CA VAL A 165 1.28 10.50 19.01
C VAL A 165 2.67 10.50 19.64
N GLU A 166 2.77 9.99 20.87
CA GLU A 166 4.07 9.92 21.55
C GLU A 166 5.07 9.06 20.78
N TRP A 167 4.61 7.89 20.34
CA TRP A 167 5.49 6.99 19.59
C TRP A 167 5.80 7.51 18.19
N LEU A 168 4.83 8.13 17.53
CA LEU A 168 5.11 8.70 16.22
C LEU A 168 6.20 9.75 16.34
N ARG A 169 6.12 10.60 17.36
CA ARG A 169 7.14 11.63 17.56
C ARG A 169 8.50 10.99 17.79
N ARG A 170 8.51 9.90 18.56
CA ARG A 170 9.75 9.19 18.84
C ARG A 170 10.33 8.57 17.58
N TYR A 171 9.49 7.94 16.77
CA TYR A 171 9.95 7.32 15.53
C TYR A 171 10.54 8.35 14.60
N LEU A 172 9.88 9.51 14.50
CA LEU A 172 10.31 10.57 13.61
C LEU A 172 11.69 11.10 14.02
N GLU A 173 11.94 11.18 15.33
CA GLU A 173 13.24 11.61 15.82
C GLU A 173 14.31 10.56 15.53
N ASN A 174 14.01 9.30 15.81
CA ASN A 174 14.99 8.23 15.62
C ASN A 174 15.31 7.99 14.15
N GLY A 175 14.31 8.16 13.29
CA GLY A 175 14.51 7.96 11.86
C GLY A 175 14.56 9.24 11.05
N LYS A 176 14.99 10.34 11.66
CA LYS A 176 14.92 11.65 11.02
C LYS A 176 15.70 11.75 9.70
N ASP A 177 16.77 10.97 9.56
CA ASP A 177 17.56 11.04 8.33
C ASP A 177 16.81 10.48 7.11
N THR A 178 15.80 9.64 7.34
CA THR A 178 15.01 9.05 6.25
C THR A 178 13.55 9.50 6.27
N LEU A 179 12.89 9.36 7.42
CA LEU A 179 11.47 9.72 7.54
C LEU A 179 11.17 11.18 7.27
N GLU A 180 12.13 12.06 7.56
CA GLU A 180 11.95 13.49 7.36
C GLU A 180 12.74 14.01 6.17
N ARG A 181 13.10 13.08 5.28
CA ARG A 181 13.77 13.43 4.04
C ARG A 181 12.85 13.11 2.88
N ALA A 182 12.50 14.15 2.13
CA ALA A 182 11.74 13.96 0.89
C ALA A 182 12.73 13.89 -0.26
N ASP A 183 12.66 12.80 -1.02
CA ASP A 183 13.54 12.62 -2.17
C ASP A 183 12.76 13.02 -3.42
N PRO A 184 13.24 14.01 -4.17
CA PRO A 184 12.47 14.44 -5.33
C PRO A 184 12.49 13.44 -6.49
N PRO A 185 11.49 13.52 -7.38
CA PRO A 185 11.50 12.66 -8.56
C PRO A 185 12.60 13.03 -9.54
N LYS A 186 13.23 12.02 -10.13
CA LYS A 186 14.06 12.17 -11.31
C LYS A 186 13.11 12.04 -12.48
N THR A 187 13.15 13.01 -13.39
CA THR A 187 12.13 13.09 -14.43
C THR A 187 12.72 13.07 -15.85
N HIS A 188 11.93 12.56 -16.79
CA HIS A 188 12.27 12.66 -18.20
C HIS A 188 11.04 12.37 -19.03
N VAL A 189 11.08 12.78 -20.29
CA VAL A 189 9.96 12.57 -21.19
C VAL A 189 10.45 11.70 -22.34
N THR A 190 9.73 10.61 -22.60
CA THR A 190 10.08 9.77 -23.74
C THR A 190 9.01 9.93 -24.82
N HIS A 191 9.37 9.48 -26.03
CA HIS A 191 8.58 9.70 -27.22
C HIS A 191 8.53 8.38 -28.00
N HIS A 192 7.32 7.91 -28.30
CA HIS A 192 7.13 6.63 -28.95
C HIS A 192 6.12 6.78 -30.09
N PRO A 193 6.60 6.86 -31.35
CA PRO A 193 5.65 6.91 -32.47
C PRO A 193 4.73 5.68 -32.45
N ILE A 194 3.44 5.86 -32.71
CA ILE A 194 2.53 4.72 -32.80
C ILE A 194 2.05 4.50 -34.24
N SER A 195 2.09 5.56 -35.03
CA SER A 195 1.76 5.47 -36.46
C SER A 195 2.33 6.70 -37.15
N ASP A 196 2.02 6.87 -38.42
CA ASP A 196 2.48 8.05 -39.13
C ASP A 196 1.84 9.33 -38.58
N HIS A 197 0.71 9.17 -37.89
CA HIS A 197 -0.16 10.28 -37.53
C HIS A 197 -0.03 10.71 -36.07
N GLU A 198 0.47 9.81 -35.22
CA GLU A 198 0.40 9.99 -33.78
C GLU A 198 1.63 9.41 -33.09
N ALA A 199 1.92 9.91 -31.90
CA ALA A 199 3.01 9.40 -31.07
C ALA A 199 2.61 9.51 -29.61
N THR A 200 3.21 8.68 -28.76
CA THR A 200 2.99 8.75 -27.32
C THR A 200 4.10 9.57 -26.67
N LEU A 201 3.72 10.54 -25.85
CA LEU A 201 4.65 11.22 -24.96
C LEU A 201 4.42 10.64 -23.57
N ARG A 202 5.48 10.17 -22.93
CA ARG A 202 5.34 9.60 -21.59
C ARG A 202 6.24 10.38 -20.64
N CYS A 203 5.62 10.93 -19.60
CA CYS A 203 6.35 11.68 -18.58
C CYS A 203 6.64 10.77 -17.37
N TRP A 204 7.92 10.64 -17.04
CA TRP A 204 8.37 9.71 -15.98
C TRP A 204 8.77 10.43 -14.72
N ALA A 205 8.41 9.84 -13.57
CA ALA A 205 8.92 10.27 -12.29
C ALA A 205 9.48 9.05 -11.55
N LEU A 206 10.77 9.09 -11.23
CA LEU A 206 11.44 7.95 -10.62
C LEU A 206 12.16 8.33 -9.34
N GLY A 207 12.23 7.40 -8.40
CA GLY A 207 13.08 7.57 -7.23
C GLY A 207 12.61 8.54 -6.17
N PHE A 208 11.31 8.81 -6.13
CA PHE A 208 10.79 9.80 -5.17
C PHE A 208 10.24 9.20 -3.88
N TYR A 209 10.27 10.00 -2.82
CA TYR A 209 9.70 9.61 -1.52
C TYR A 209 9.28 10.92 -0.85
N PRO A 210 8.08 10.96 -0.27
CA PRO A 210 7.06 9.91 -0.14
C PRO A 210 6.32 9.69 -1.44
N ALA A 211 5.32 8.82 -1.41
CA ALA A 211 4.66 8.39 -2.63
C ALA A 211 3.77 9.45 -3.28
N GLU A 212 3.23 10.35 -2.46
CA GLU A 212 2.35 11.39 -2.95
C GLU A 212 3.05 12.22 -4.04
N ILE A 213 2.40 12.34 -5.19
CA ILE A 213 2.97 13.10 -6.31
C ILE A 213 1.82 13.51 -7.22
N THR A 214 2.01 14.60 -7.96
CA THR A 214 1.07 15.00 -8.99
C THR A 214 1.80 15.06 -10.32
N LEU A 215 1.35 14.26 -11.28
CA LEU A 215 1.91 14.24 -12.63
C LEU A 215 0.77 14.54 -13.61
N THR A 216 0.89 15.62 -14.37
CA THR A 216 -0.17 15.98 -15.31
C THR A 216 0.42 16.40 -16.66
N TRP A 217 -0.36 16.20 -17.72
CA TRP A 217 -0.03 16.73 -19.03
C TRP A 217 -0.98 17.86 -19.36
N GLN A 218 -0.43 18.92 -19.94
CA GLN A 218 -1.24 19.99 -20.50
C GLN A 218 -0.99 20.14 -22.00
N ARG A 219 -2.03 20.55 -22.72
CA ARG A 219 -1.91 20.87 -24.15
C ARG A 219 -2.30 22.34 -24.26
N ASP A 220 -1.38 23.17 -24.76
CA ASP A 220 -1.60 24.63 -24.80
C ASP A 220 -2.04 25.17 -23.43
N GLY A 221 -1.47 24.62 -22.36
CA GLY A 221 -1.80 25.05 -21.02
C GLY A 221 -3.13 24.56 -20.43
N GLU A 222 -3.83 23.69 -21.15
CA GLU A 222 -5.06 23.08 -20.61
C GLU A 222 -4.82 21.65 -20.15
N ASP A 223 -5.27 21.31 -18.94
CA ASP A 223 -5.13 19.96 -18.41
C ASP A 223 -5.81 18.93 -19.32
N GLN A 224 -5.12 17.81 -19.53
CA GLN A 224 -5.62 16.75 -20.40
C GLN A 224 -6.09 15.55 -19.60
N THR A 225 -6.86 15.78 -18.55
CA THR A 225 -7.27 14.71 -17.63
C THR A 225 -7.85 13.49 -18.34
N GLN A 226 -8.86 13.72 -19.17
CA GLN A 226 -9.52 12.62 -19.87
C GLN A 226 -8.60 11.85 -20.83
N ASP A 227 -7.65 12.54 -21.43
CA ASP A 227 -6.82 11.93 -22.46
C ASP A 227 -5.47 11.41 -21.95
N THR A 228 -5.23 11.55 -20.66
CA THR A 228 -3.98 11.08 -20.06
C THR A 228 -4.11 9.66 -19.49
N GLU A 229 -3.16 8.79 -19.80
CA GLU A 229 -3.10 7.50 -19.13
C GLU A 229 -2.15 7.63 -17.95
N LEU A 230 -2.67 7.43 -16.76
CA LEU A 230 -1.92 7.65 -15.52
C LEU A 230 -1.83 6.33 -14.75
N VAL A 231 -0.64 5.73 -14.67
CA VAL A 231 -0.52 4.48 -13.92
C VAL A 231 -0.46 4.73 -12.42
N GLU A 232 -0.85 3.72 -11.65
CA GLU A 232 -0.80 3.82 -10.21
C GLU A 232 0.64 3.97 -9.76
N THR A 233 0.84 4.83 -8.77
CA THR A 233 2.16 4.99 -8.16
C THR A 233 2.61 3.64 -7.62
N ARG A 234 3.85 3.26 -7.93
CA ARG A 234 4.35 1.91 -7.66
C ARG A 234 5.69 1.93 -6.93
N PRO A 235 5.91 0.96 -6.03
CA PRO A 235 7.16 0.93 -5.27
C PRO A 235 8.34 0.35 -6.05
N ALA A 236 9.50 0.98 -5.93
CA ALA A 236 10.70 0.47 -6.59
C ALA A 236 11.36 -0.67 -5.85
N GLY A 237 11.17 -0.72 -4.53
CA GLY A 237 11.82 -1.71 -3.67
C GLY A 237 13.04 -1.21 -2.92
N ASP A 238 13.39 0.05 -3.13
CA ASP A 238 14.52 0.71 -2.45
C ASP A 238 14.04 1.88 -1.58
N ARG A 239 12.76 1.80 -1.20
CA ARG A 239 11.99 2.82 -0.43
C ARG A 239 11.27 3.83 -1.31
N THR A 240 11.76 4.03 -2.52
CA THR A 240 11.23 5.06 -3.40
C THR A 240 10.09 4.54 -4.27
N PHE A 241 9.45 5.47 -4.99
CA PHE A 241 8.30 5.17 -5.80
C PHE A 241 8.50 5.67 -7.22
N GLN A 242 7.65 5.19 -8.12
CA GLN A 242 7.71 5.54 -9.54
C GLN A 242 6.31 5.83 -10.05
N LYS A 243 6.20 6.65 -11.09
CA LYS A 243 4.89 6.88 -11.71
C LYS A 243 5.14 7.41 -13.12
N TRP A 244 4.21 7.16 -14.03
CA TRP A 244 4.27 7.85 -15.32
C TRP A 244 2.88 8.25 -15.81
N ALA A 245 2.86 9.24 -16.68
CA ALA A 245 1.64 9.71 -17.32
C ALA A 245 1.91 9.81 -18.81
N ALA A 246 0.96 9.39 -19.63
CA ALA A 246 1.17 9.40 -21.07
C ALA A 246 0.02 10.04 -21.84
N VAL A 247 0.35 10.70 -22.94
CA VAL A 247 -0.68 11.25 -23.83
C VAL A 247 -0.35 10.90 -25.26
N VAL A 248 -1.39 10.69 -26.06
CA VAL A 248 -1.20 10.42 -27.48
C VAL A 248 -1.37 11.74 -28.19
N VAL A 249 -0.36 12.12 -28.97
CA VAL A 249 -0.34 13.45 -29.57
C VAL A 249 -0.21 13.36 -31.08
N PRO A 250 -0.75 14.35 -31.80
CA PRO A 250 -0.60 14.33 -33.26
C PRO A 250 0.86 14.59 -33.64
N SER A 251 1.37 13.87 -34.64
CA SER A 251 2.74 14.10 -35.10
C SER A 251 2.99 15.56 -35.43
N GLY A 252 4.09 16.11 -34.91
CA GLY A 252 4.43 17.50 -35.17
C GLY A 252 3.91 18.49 -34.14
N GLU A 253 3.06 18.02 -33.23
CA GLU A 253 2.46 18.90 -32.24
C GLU A 253 3.07 18.73 -30.83
N GLU A 254 4.17 18.00 -30.74
CA GLU A 254 4.78 17.65 -29.45
C GLU A 254 5.10 18.85 -28.54
N GLN A 255 5.52 19.97 -29.11
CA GLN A 255 5.93 21.10 -28.28
C GLN A 255 4.76 21.86 -27.67
N ARG A 256 3.55 21.49 -28.06
CA ARG A 256 2.36 22.08 -27.45
C ARG A 256 2.02 21.40 -26.12
N TYR A 257 2.74 20.32 -25.81
CA TYR A 257 2.46 19.55 -24.61
C TYR A 257 3.51 19.75 -23.53
N THR A 258 3.05 19.94 -22.30
CA THR A 258 3.94 20.08 -21.16
C THR A 258 3.56 19.13 -20.05
N CYS A 259 4.56 18.51 -19.43
CA CYS A 259 4.33 17.68 -18.26
C CYS A 259 4.63 18.49 -17.01
N HIS A 260 3.74 18.42 -16.04
CA HIS A 260 3.91 19.16 -14.80
C HIS A 260 4.03 18.21 -13.60
N VAL A 261 5.05 18.45 -12.78
CA VAL A 261 5.36 17.57 -11.66
C VAL A 261 5.39 18.36 -10.36
N GLN A 262 4.59 17.92 -9.40
CA GLN A 262 4.59 18.49 -8.06
C GLN A 262 4.97 17.40 -7.05
N HIS A 263 5.95 17.70 -6.21
CA HIS A 263 6.38 16.77 -5.17
C HIS A 263 7.09 17.51 -4.04
N GLU A 264 6.92 17.02 -2.81
CA GLU A 264 7.52 17.63 -1.63
C GLU A 264 9.05 17.80 -1.69
N GLY A 265 9.73 16.92 -2.44
CA GLY A 265 11.18 16.96 -2.49
C GLY A 265 11.76 17.97 -3.48
N LEU A 266 10.88 18.57 -4.27
CA LEU A 266 11.29 19.50 -5.31
C LEU A 266 11.31 20.93 -4.76
N PRO A 267 12.43 21.64 -4.97
CA PRO A 267 12.50 23.05 -4.56
C PRO A 267 11.39 23.85 -5.24
N LYS A 268 11.14 23.56 -6.53
CA LYS A 268 10.02 24.15 -7.25
C LYS A 268 9.41 23.13 -8.22
N PRO A 269 8.11 23.27 -8.51
CA PRO A 269 7.45 22.36 -9.46
C PRO A 269 8.13 22.37 -10.84
N LEU A 270 8.05 21.25 -11.55
CA LEU A 270 8.74 21.10 -12.81
C LEU A 270 7.76 21.22 -13.97
N THR A 271 8.24 21.80 -15.07
CA THR A 271 7.53 21.81 -16.33
C THR A 271 8.48 21.22 -17.35
N LEU A 272 8.15 20.04 -17.88
CA LEU A 272 8.99 19.36 -18.85
C LEU A 272 8.31 19.29 -20.20
N ARG A 273 9.11 19.22 -21.25
CA ARG A 273 8.58 18.86 -22.56
C ARG A 273 9.51 17.86 -23.21
N TRP A 274 9.06 17.27 -24.32
CA TRP A 274 9.88 16.37 -25.10
C TRP A 274 11.10 17.12 -25.63
N GLU A 275 12.29 16.59 -25.35
CA GLU A 275 13.52 17.22 -25.79
C GLU A 275 14.22 16.30 -26.79
N PRO A 276 13.85 16.40 -28.07
CA PRO A 276 14.50 15.58 -29.09
C PRO A 276 15.96 16.01 -29.23
N ILE B 1 -18.35 -7.46 -4.53
CA ILE B 1 -17.70 -8.23 -3.47
C ILE B 1 -16.26 -8.59 -3.83
N GLN B 2 -15.92 -8.47 -5.12
CA GLN B 2 -14.57 -8.79 -5.57
C GLN B 2 -13.99 -7.68 -6.44
N ARG B 3 -12.67 -7.52 -6.35
CA ARG B 3 -11.98 -6.53 -7.16
C ARG B 3 -10.77 -7.19 -7.81
N THR B 4 -10.67 -7.03 -9.13
CA THR B 4 -9.63 -7.71 -9.88
C THR B 4 -8.32 -6.92 -9.76
N PRO B 5 -7.17 -7.61 -9.72
CA PRO B 5 -5.90 -6.89 -9.57
C PRO B 5 -5.47 -6.07 -10.77
N LYS B 6 -4.87 -4.92 -10.49
CA LYS B 6 -4.08 -4.21 -11.49
C LYS B 6 -2.67 -4.80 -11.42
N ILE B 7 -1.98 -4.85 -12.55
CA ILE B 7 -0.66 -5.47 -12.59
C ILE B 7 0.31 -4.58 -13.33
N GLN B 8 1.46 -4.32 -12.72
CA GLN B 8 2.55 -3.61 -13.39
C GLN B 8 3.83 -4.39 -13.24
N VAL B 9 4.59 -4.52 -14.33
CA VAL B 9 5.88 -5.21 -14.33
C VAL B 9 6.93 -4.22 -14.80
N TYR B 10 8.00 -4.09 -14.02
CA TYR B 10 8.96 -3.00 -14.23
C TYR B 10 10.23 -3.28 -13.45
N SER B 11 11.25 -2.47 -13.70
CA SER B 11 12.52 -2.65 -13.02
C SER B 11 12.74 -1.60 -11.94
N ARG B 12 13.53 -1.96 -10.92
CA ARG B 12 13.83 -1.04 -9.83
C ARG B 12 14.65 0.16 -10.31
N HIS B 13 15.68 -0.14 -11.10
CA HIS B 13 16.56 0.85 -11.68
C HIS B 13 16.32 0.89 -13.19
N PRO B 14 16.66 2.01 -13.84
CA PRO B 14 16.55 2.06 -15.31
C PRO B 14 17.28 0.88 -15.95
N ALA B 15 16.64 0.22 -16.91
CA ALA B 15 17.20 -1.01 -17.47
C ALA B 15 18.41 -0.72 -18.36
N GLU B 16 19.46 -1.50 -18.16
CA GLU B 16 20.65 -1.44 -19.00
C GLU B 16 21.11 -2.88 -19.25
N ASN B 17 21.13 -3.26 -20.52
CA ASN B 17 21.49 -4.62 -20.90
C ASN B 17 22.80 -5.08 -20.28
N GLY B 18 22.77 -6.25 -19.65
CA GLY B 18 23.96 -6.83 -19.05
C GLY B 18 24.26 -6.35 -17.64
N LYS B 19 23.47 -5.42 -17.11
CA LYS B 19 23.70 -4.95 -15.75
C LYS B 19 22.62 -5.40 -14.78
N SER B 20 23.05 -5.98 -13.66
CA SER B 20 22.12 -6.56 -12.68
C SER B 20 21.17 -5.50 -12.13
N ASN B 21 19.93 -5.92 -11.86
CA ASN B 21 18.84 -4.99 -11.54
C ASN B 21 17.85 -5.79 -10.70
N PHE B 22 16.66 -5.23 -10.47
CA PHE B 22 15.58 -6.00 -9.86
C PHE B 22 14.33 -5.93 -10.70
N LEU B 23 13.70 -7.08 -10.90
CA LEU B 23 12.45 -7.17 -11.65
C LEU B 23 11.30 -7.16 -10.65
N ASN B 24 10.37 -6.23 -10.84
CA ASN B 24 9.23 -6.10 -9.96
C ASN B 24 7.93 -6.47 -10.65
N CYS B 25 7.04 -7.12 -9.92
CA CYS B 25 5.67 -7.24 -10.34
C CYS B 25 4.81 -6.71 -9.19
N TYR B 26 4.12 -5.60 -9.42
CA TYR B 26 3.31 -4.98 -8.41
C TYR B 26 1.85 -5.26 -8.72
N VAL B 27 1.17 -5.94 -7.79
CA VAL B 27 -0.25 -6.22 -7.95
C VAL B 27 -1.01 -5.41 -6.92
N SER B 28 -2.09 -4.76 -7.35
CA SER B 28 -2.76 -3.83 -6.46
C SER B 28 -4.24 -3.74 -6.78
N GLY B 29 -5.00 -3.14 -5.88
CA GLY B 29 -6.42 -2.91 -6.14
C GLY B 29 -7.32 -4.12 -6.07
N PHE B 30 -6.84 -5.21 -5.48
CA PHE B 30 -7.60 -6.47 -5.49
C PHE B 30 -8.28 -6.82 -4.17
N HIS B 31 -9.33 -7.63 -4.26
CA HIS B 31 -10.05 -8.13 -3.10
C HIS B 31 -10.82 -9.37 -3.57
N PRO B 32 -10.74 -10.48 -2.82
CA PRO B 32 -10.01 -10.68 -1.56
C PRO B 32 -8.50 -10.86 -1.75
N SER B 33 -7.79 -11.13 -0.65
CA SER B 33 -6.34 -11.01 -0.67
C SER B 33 -5.60 -12.19 -1.26
N ASP B 34 -6.23 -13.35 -1.38
CA ASP B 34 -5.52 -14.50 -1.93
C ASP B 34 -5.18 -14.25 -3.40
N ILE B 35 -3.92 -14.46 -3.74
CA ILE B 35 -3.43 -14.17 -5.08
C ILE B 35 -2.16 -14.98 -5.33
N GLU B 36 -1.98 -15.46 -6.56
CA GLU B 36 -0.73 -16.14 -6.88
C GLU B 36 0.00 -15.37 -7.98
N VAL B 37 1.28 -15.12 -7.73
CA VAL B 37 2.10 -14.33 -8.63
C VAL B 37 3.40 -15.06 -8.89
N ASP B 38 3.72 -15.23 -10.18
CA ASP B 38 4.99 -15.81 -10.60
C ASP B 38 5.72 -14.82 -11.49
N LEU B 39 7.03 -14.75 -11.34
CA LEU B 39 7.84 -14.01 -12.31
C LEU B 39 8.42 -15.03 -13.28
N LEU B 40 8.42 -14.69 -14.56
CA LEU B 40 8.85 -15.62 -15.60
C LEU B 40 10.06 -15.10 -16.36
N LYS B 41 10.98 -16.01 -16.69
CA LYS B 41 12.10 -15.66 -17.55
C LYS B 41 12.03 -16.62 -18.73
N ASN B 42 11.80 -16.06 -19.91
CA ASN B 42 11.56 -16.83 -21.12
C ASN B 42 10.52 -17.94 -20.92
N GLY B 43 9.41 -17.58 -20.28
CA GLY B 43 8.30 -18.48 -20.06
C GLY B 43 8.41 -19.38 -18.84
N GLU B 44 9.56 -19.39 -18.18
CA GLU B 44 9.81 -20.30 -17.07
C GLU B 44 9.76 -19.59 -15.71
N ARG B 45 9.15 -20.24 -14.73
CA ARG B 45 9.02 -19.65 -13.39
C ARG B 45 10.38 -19.45 -12.74
N ILE B 46 10.64 -18.22 -12.29
CA ILE B 46 11.84 -17.89 -11.52
C ILE B 46 11.68 -18.37 -10.07
N GLU B 47 12.70 -19.04 -9.54
CA GLU B 47 12.64 -19.57 -8.17
C GLU B 47 13.01 -18.53 -7.10
N LYS B 48 12.45 -18.71 -5.90
CA LYS B 48 12.81 -17.88 -4.75
C LYS B 48 12.57 -16.38 -4.94
N VAL B 49 11.52 -16.06 -5.70
CA VAL B 49 11.00 -14.70 -5.78
C VAL B 49 10.50 -14.31 -4.41
N GLU B 50 10.79 -13.10 -3.97
CA GLU B 50 10.32 -12.64 -2.67
C GLU B 50 9.17 -11.69 -2.84
N HIS B 51 8.48 -11.40 -1.75
CA HIS B 51 7.39 -10.45 -1.81
C HIS B 51 7.23 -9.65 -0.53
N SER B 52 6.57 -8.51 -0.65
CA SER B 52 6.30 -7.62 0.47
C SER B 52 5.24 -8.21 1.41
N ASP B 53 5.13 -7.62 2.60
CA ASP B 53 4.11 -8.04 3.56
C ASP B 53 2.74 -7.50 3.13
N LEU B 54 1.72 -8.35 3.23
CA LEU B 54 0.37 -7.97 2.82
C LEU B 54 -0.10 -6.68 3.50
N SER B 55 -0.50 -5.72 2.68
CA SER B 55 -1.02 -4.47 3.20
C SER B 55 -2.11 -4.03 2.25
N PHE B 56 -2.72 -2.89 2.53
CA PHE B 56 -3.80 -2.42 1.67
C PHE B 56 -3.89 -0.91 1.67
N SER B 57 -4.61 -0.39 0.67
CA SER B 57 -4.81 1.04 0.51
C SER B 57 -6.00 1.52 1.33
N LYS B 58 -6.21 2.83 1.39
CA LYS B 58 -7.29 3.31 2.24
C LYS B 58 -8.68 2.95 1.71
N ASP B 59 -8.76 2.51 0.46
CA ASP B 59 -10.02 1.98 -0.08
C ASP B 59 -10.21 0.49 0.21
N TRP B 60 -9.30 -0.03 1.04
CA TRP B 60 -9.27 -1.42 1.52
C TRP B 60 -8.75 -2.45 0.50
N SER B 61 -8.38 -2.00 -0.68
CA SER B 61 -7.88 -2.95 -1.68
C SER B 61 -6.43 -3.32 -1.40
N PHE B 62 -6.11 -4.61 -1.59
CA PHE B 62 -4.79 -5.14 -1.24
C PHE B 62 -3.73 -4.82 -2.28
N TYR B 63 -2.47 -4.83 -1.83
CA TYR B 63 -1.36 -4.73 -2.77
C TYR B 63 -0.17 -5.54 -2.27
N LEU B 64 0.59 -6.07 -3.23
CA LEU B 64 1.82 -6.81 -2.95
C LEU B 64 2.83 -6.50 -4.02
N LEU B 65 4.11 -6.47 -3.64
CA LEU B 65 5.19 -6.35 -4.59
C LEU B 65 5.97 -7.66 -4.59
N TYR B 66 6.11 -8.29 -5.76
CA TYR B 66 6.97 -9.45 -5.93
C TYR B 66 8.22 -9.00 -6.67
N TYR B 67 9.37 -9.51 -6.26
CA TYR B 67 10.61 -9.02 -6.84
C TYR B 67 11.70 -10.07 -6.82
N THR B 68 12.64 -9.95 -7.75
CA THR B 68 13.78 -10.86 -7.81
C THR B 68 14.92 -10.18 -8.57
N GLU B 69 16.15 -10.63 -8.32
CA GLU B 69 17.29 -10.15 -9.10
C GLU B 69 17.11 -10.57 -10.55
N PHE B 70 17.49 -9.70 -11.48
CA PHE B 70 17.58 -10.08 -12.88
C PHE B 70 18.57 -9.22 -13.64
N THR B 71 19.11 -9.79 -14.71
CA THR B 71 19.99 -9.06 -15.59
C THR B 71 19.34 -8.97 -16.97
N PRO B 72 18.85 -7.77 -17.33
CA PRO B 72 18.19 -7.57 -18.62
C PRO B 72 19.20 -7.80 -19.74
N THR B 73 18.70 -8.29 -20.87
CA THR B 73 19.50 -8.45 -22.08
C THR B 73 18.59 -8.06 -23.22
N GLU B 74 19.10 -8.10 -24.45
CA GLU B 74 18.25 -7.82 -25.59
C GLU B 74 17.33 -9.01 -25.88
N LYS B 75 17.84 -10.22 -25.63
CA LYS B 75 17.15 -11.43 -26.06
C LYS B 75 16.21 -12.04 -25.00
N ASP B 76 16.52 -11.85 -23.72
CA ASP B 76 15.72 -12.47 -22.67
C ASP B 76 14.39 -11.74 -22.47
N GLU B 77 13.33 -12.52 -22.31
CA GLU B 77 12.01 -11.95 -22.10
C GLU B 77 11.55 -12.22 -20.68
N TYR B 78 11.03 -11.20 -20.01
CA TYR B 78 10.51 -11.37 -18.67
C TYR B 78 9.03 -11.05 -18.61
N ALA B 79 8.33 -11.67 -17.66
CA ALA B 79 6.90 -11.46 -17.51
C ALA B 79 6.45 -11.75 -16.09
N CYS B 80 5.23 -11.34 -15.78
CA CYS B 80 4.60 -11.66 -14.52
C CYS B 80 3.30 -12.42 -14.81
N ARG B 81 3.06 -13.50 -14.09
CA ARG B 81 1.85 -14.29 -14.27
C ARG B 81 1.02 -14.25 -12.99
N VAL B 82 -0.22 -13.79 -13.11
CA VAL B 82 -1.07 -13.55 -11.95
C VAL B 82 -2.38 -14.33 -12.03
N ASN B 83 -2.74 -15.02 -10.97
CA ASN B 83 -4.08 -15.58 -10.87
C ASN B 83 -4.79 -15.09 -9.61
N HIS B 84 -6.10 -14.93 -9.72
CA HIS B 84 -6.92 -14.39 -8.65
C HIS B 84 -8.31 -14.96 -8.89
N VAL B 85 -9.16 -14.95 -7.87
CA VAL B 85 -10.50 -15.52 -8.02
C VAL B 85 -11.30 -14.82 -9.13
N THR B 86 -11.00 -13.54 -9.36
CA THR B 86 -11.68 -12.74 -10.38
C THR B 86 -11.25 -13.07 -11.81
N LEU B 87 -10.23 -13.90 -11.96
CA LEU B 87 -9.68 -14.21 -13.28
C LEU B 87 -9.98 -15.65 -13.70
N SER B 88 -10.53 -15.81 -14.92
CA SER B 88 -10.84 -17.12 -15.46
C SER B 88 -9.57 -17.94 -15.62
N GLN B 89 -8.54 -17.32 -16.19
CA GLN B 89 -7.23 -17.94 -16.35
C GLN B 89 -6.15 -16.99 -15.84
N PRO B 90 -4.93 -17.50 -15.64
CA PRO B 90 -3.86 -16.59 -15.23
C PRO B 90 -3.63 -15.50 -16.28
N LYS B 91 -3.37 -14.29 -15.81
CA LYS B 91 -3.06 -13.18 -16.70
C LYS B 91 -1.55 -13.00 -16.77
N ILE B 92 -1.02 -12.84 -17.97
CA ILE B 92 0.41 -12.64 -18.16
C ILE B 92 0.67 -11.24 -18.69
N VAL B 93 1.50 -10.48 -17.97
CA VAL B 93 1.90 -9.15 -18.40
C VAL B 93 3.39 -9.19 -18.68
N LYS B 94 3.79 -8.81 -19.90
CA LYS B 94 5.20 -8.85 -20.26
C LYS B 94 5.95 -7.61 -19.78
N TRP B 95 7.20 -7.79 -19.37
CA TRP B 95 8.07 -6.66 -19.06
C TRP B 95 8.43 -5.89 -20.33
N ASP B 96 8.13 -4.60 -20.32
CA ASP B 96 8.46 -3.67 -21.38
C ASP B 96 9.18 -2.51 -20.68
N ARG B 97 10.44 -2.26 -21.07
CA ARG B 97 11.27 -1.27 -20.38
C ARG B 97 10.75 0.14 -20.51
N ASP B 98 9.84 0.34 -21.46
CA ASP B 98 9.27 1.65 -21.70
C ASP B 98 7.96 1.87 -20.93
N MET B 99 7.65 0.97 -19.99
CA MET B 99 6.42 1.11 -19.20
C MET B 99 6.58 0.80 -17.69
N ALA C 4 2.61 -0.12 25.85
CA ALA C 4 3.10 -0.63 24.57
C ALA C 4 2.66 0.26 23.41
N ALA C 5 3.38 0.18 22.30
CA ALA C 5 3.11 1.01 21.14
C ALA C 5 1.89 0.58 20.31
N ALA C 6 1.68 -0.73 20.19
CA ALA C 6 0.56 -1.26 19.41
C ALA C 6 -0.74 -1.10 20.19
N LYS C 7 -1.88 -1.08 19.48
CA LYS C 7 -3.17 -0.84 20.13
C LYS C 7 -3.88 -2.13 20.53
N LYS C 8 -4.40 -2.17 21.76
CA LYS C 8 -5.31 -3.24 22.16
C LYS C 8 -6.60 -3.11 21.35
N LYS C 9 -7.00 -4.20 20.70
CA LYS C 9 -8.23 -4.20 19.91
C LYS C 9 -9.42 -4.78 20.70
N TYR C 10 -10.62 -4.48 20.24
CA TYR C 10 -11.85 -4.92 20.88
C TYR C 10 -12.67 -5.73 19.89
N CYS C 11 -13.28 -6.81 20.39
CA CYS C 11 -14.06 -7.71 19.55
C CYS C 11 -15.27 -6.98 18.98
N LEU C 12 -15.48 -7.09 17.67
CA LEU C 12 -16.65 -6.51 17.00
C LEU C 12 -17.92 -7.26 17.38
#